data_1OQO
#
_entry.id   1OQO
#
_cell.length_a   85.782
_cell.length_b   126.413
_cell.length_c   54.743
_cell.angle_alpha   90.00
_cell.angle_beta   90.00
_cell.angle_gamma   90.00
#
_symmetry.space_group_name_H-M   'P 21 21 2'
#
loop_
_entity.id
_entity.type
_entity.pdbx_description
1 polymer 'immunoglobulin gamma-1 heavy chain constant region'
2 polymer 'Minimized version of Protein A (Z34C)'
3 branched 2-acetamido-2-deoxy-beta-D-glucopyranose-(1-2)-alpha-D-mannopyranose-(1-3)-[2-acetamido-2-deoxy-beta-D-glucopyranose-(1-2)-alpha-D-mannopyranose-(1-6)]beta-D-mannopyranose-(1-4)-2-acetamido-2-deoxy-beta-D-glucopyranose-(1-4)-[beta-L-fucopyranose-(1-6)]2-acetamido-2-deoxy-beta-D-glucopyranose
4 branched 2-acetamido-2-deoxy-alpha-D-glucopyranose-(1-2)-alpha-D-mannopyranose-(1-3)-[2-acetamido-2-deoxy-beta-D-glucopyranose-(1-2)-alpha-D-mannopyranose-(1-6)]beta-D-mannopyranose-(1-4)-2-acetamido-2-deoxy-beta-D-glucopyranose-(1-4)-[alpha-L-fucopyranose-(1-6)]2-acetamido-2-deoxy-beta-D-glucopyranose
5 water water
#
loop_
_entity_poly.entity_id
_entity_poly.type
_entity_poly.pdbx_seq_one_letter_code
_entity_poly.pdbx_strand_id
1 'polypeptide(L)'
;GGPSVFLFPPKPKDTLMISRTPEVTCVVVDVSHEDPEVKFNWYVDGVEVHNAKTKPREEQYNSTYRVVSVLTVLHQDWLN
GKEYKCKVSNKALPAPIEKTISKAKGQPREPQVYTLPPSRDELTKNQVSLTCLVKGFYPSDIAVEWESNGQPENNYKTTP
PVLDSDGSFFLYSKLTVDKSRWQQGNVFSCSVMHEALHNHYTQKSLSLSPGK
;
A,B
2 'polypeptide(L)' FNMQCQRRFYEALHDPNLNEEQRNAKIKSIRDDC C,D
#
loop_
_chem_comp.id
_chem_comp.type
_chem_comp.name
_chem_comp.formula
BMA D-saccharide, beta linking beta-D-mannopyranose 'C6 H12 O6'
FUC L-saccharide, alpha linking alpha-L-fucopyranose 'C6 H12 O5'
FUL L-saccharide, beta linking beta-L-fucopyranose 'C6 H12 O5'
MAN D-saccharide, alpha linking alpha-D-mannopyranose 'C6 H12 O6'
NAG D-saccharide, beta linking 2-acetamido-2-deoxy-beta-D-glucopyranose 'C8 H15 N O6'
NDG D-saccharide, alpha linking 2-acetamido-2-deoxy-alpha-D-glucopyranose 'C8 H15 N O6'
#
# COMPACT_ATOMS: atom_id res chain seq x y z
N GLY A 2 22.78 -18.52 -6.50
CA GLY A 2 22.20 -19.77 -5.94
C GLY A 2 20.88 -19.50 -5.23
N PRO A 3 20.67 -20.07 -4.03
CA PRO A 3 19.44 -19.89 -3.22
C PRO A 3 19.29 -18.46 -2.69
N SER A 4 18.05 -18.02 -2.43
CA SER A 4 17.84 -16.67 -1.89
C SER A 4 17.22 -16.71 -0.49
N VAL A 5 17.41 -15.64 0.27
CA VAL A 5 16.89 -15.56 1.64
C VAL A 5 16.07 -14.32 1.91
N PHE A 6 14.99 -14.51 2.66
CA PHE A 6 14.09 -13.44 3.06
C PHE A 6 13.77 -13.57 4.55
N LEU A 7 14.00 -12.47 5.26
CA LEU A 7 13.78 -12.42 6.71
C LEU A 7 12.53 -11.60 7.02
N PHE A 8 11.62 -12.16 7.81
CA PHE A 8 10.38 -11.49 8.18
C PHE A 8 10.30 -11.11 9.67
N PRO A 9 9.69 -9.94 9.95
CA PRO A 9 9.51 -9.40 11.31
C PRO A 9 8.31 -10.04 11.95
N PRO A 10 8.15 -9.86 13.26
CA PRO A 10 7.00 -10.42 13.98
C PRO A 10 5.70 -9.67 13.64
N LYS A 11 4.55 -10.28 13.94
CA LYS A 11 3.26 -9.62 13.68
C LYS A 11 3.17 -8.61 14.78
N PRO A 12 2.73 -7.40 14.46
CA PRO A 12 2.58 -6.30 15.41
C PRO A 12 1.86 -6.69 16.70
N LYS A 13 0.82 -7.48 16.55
CA LYS A 13 0.01 -7.91 17.66
C LYS A 13 0.76 -8.81 18.64
N ASP A 14 1.70 -9.60 18.11
CA ASP A 14 2.47 -10.55 18.92
C ASP A 14 3.50 -9.90 19.85
N THR A 15 4.13 -8.83 19.37
CA THR A 15 5.14 -8.13 20.15
C THR A 15 4.48 -7.28 21.23
N LEU A 16 3.20 -6.98 21.05
CA LEU A 16 2.46 -6.13 21.97
C LEU A 16 1.76 -6.87 23.09
N MET A 17 1.33 -8.09 22.82
CA MET A 17 0.66 -8.87 23.86
C MET A 17 1.57 -9.93 24.45
N ILE A 18 1.74 -9.85 25.76
CA ILE A 18 2.63 -10.74 26.48
C ILE A 18 2.13 -12.17 26.40
N SER A 19 0.85 -12.33 26.06
CA SER A 19 0.24 -13.66 25.92
C SER A 19 0.68 -14.30 24.61
N ARG A 20 0.92 -13.48 23.60
CA ARG A 20 1.35 -13.97 22.31
C ARG A 20 2.85 -14.20 22.25
N THR A 21 3.26 -14.92 21.21
CA THR A 21 4.67 -15.25 21.01
C THR A 21 5.21 -14.72 19.66
N PRO A 22 5.98 -13.62 19.71
CA PRO A 22 6.56 -13.02 18.50
C PRO A 22 7.75 -13.80 17.98
N GLU A 23 7.90 -13.80 16.66
CA GLU A 23 9.00 -14.50 16.04
C GLU A 23 9.48 -13.82 14.79
N VAL A 24 10.72 -14.13 14.43
CA VAL A 24 11.35 -13.60 13.24
C VAL A 24 11.45 -14.87 12.42
N THR A 25 11.10 -14.79 11.13
CA THR A 25 11.14 -15.94 10.24
C THR A 25 12.13 -15.80 9.07
N CYS A 26 12.93 -16.84 8.88
CA CYS A 26 13.92 -16.86 7.81
C CYS A 26 13.52 -17.87 6.75
N VAL A 27 13.32 -17.40 5.53
CA VAL A 27 12.92 -18.31 4.46
C VAL A 27 13.95 -18.40 3.33
N VAL A 28 14.32 -19.65 3.04
CA VAL A 28 15.27 -19.96 2.01
C VAL A 28 14.56 -20.58 0.82
N VAL A 29 14.77 -19.96 -0.33
CA VAL A 29 14.17 -20.43 -1.56
C VAL A 29 15.29 -20.78 -2.55
N ASP A 30 14.96 -21.60 -3.54
CA ASP A 30 15.91 -22.00 -4.56
C ASP A 30 17.01 -22.94 -4.10
N VAL A 31 16.68 -23.82 -3.16
CA VAL A 31 17.65 -24.79 -2.68
C VAL A 31 17.68 -25.97 -3.69
N SER A 32 18.88 -26.33 -4.17
CA SER A 32 19.05 -27.41 -5.16
C SER A 32 18.87 -28.84 -4.63
N HIS A 33 18.38 -29.71 -5.50
CA HIS A 33 18.15 -31.10 -5.12
C HIS A 33 19.46 -31.81 -4.80
N GLU A 34 20.50 -31.45 -5.56
CA GLU A 34 21.82 -32.05 -5.43
C GLU A 34 22.83 -31.23 -4.63
N ASP A 35 22.32 -30.21 -3.96
CA ASP A 35 23.09 -29.29 -3.08
C ASP A 35 21.99 -28.78 -2.12
N PRO A 36 21.23 -29.70 -1.49
CA PRO A 36 20.15 -29.34 -0.57
C PRO A 36 20.41 -29.08 0.89
N GLU A 37 21.60 -29.38 1.36
CA GLU A 37 21.92 -29.17 2.75
C GLU A 37 21.93 -27.70 3.12
N VAL A 38 21.01 -27.29 3.99
CA VAL A 38 20.92 -25.89 4.46
C VAL A 38 21.08 -25.75 5.96
N LYS A 39 21.85 -24.75 6.38
CA LYS A 39 22.12 -24.50 7.78
C LYS A 39 21.88 -23.02 8.14
N PHE A 40 21.17 -22.82 9.24
CA PHE A 40 20.87 -21.47 9.72
C PHE A 40 21.65 -21.18 10.98
N ASN A 41 22.05 -19.93 11.12
CA ASN A 41 22.76 -19.46 12.30
C ASN A 41 22.05 -18.17 12.71
N TRP A 42 21.69 -18.05 13.99
CA TRP A 42 20.99 -16.86 14.43
C TRP A 42 21.78 -16.06 15.44
N TYR A 43 21.64 -14.74 15.38
CA TYR A 43 22.33 -13.85 16.30
C TYR A 43 21.41 -12.69 16.69
N VAL A 44 21.40 -12.35 17.97
CA VAL A 44 20.61 -11.23 18.46
C VAL A 44 21.65 -10.20 18.91
N ASP A 45 21.76 -9.13 18.13
CA ASP A 45 22.73 -8.09 18.42
C ASP A 45 24.13 -8.74 18.45
N GLY A 46 24.37 -9.59 17.47
CA GLY A 46 25.66 -10.24 17.36
C GLY A 46 25.82 -11.57 18.08
N VAL A 47 25.20 -11.70 19.22
CA VAL A 47 25.29 -12.92 19.98
C VAL A 47 24.48 -14.05 19.32
N GLU A 48 25.16 -15.16 18.99
CA GLU A 48 24.43 -16.27 18.40
C GLU A 48 23.56 -16.96 19.45
N VAL A 49 22.40 -17.45 18.99
CA VAL A 49 21.44 -18.17 19.84
C VAL A 49 21.03 -19.46 19.09
N HIS A 50 20.62 -20.49 19.82
CA HIS A 50 20.32 -21.74 19.12
C HIS A 50 18.94 -22.32 19.37
N ASN A 51 18.02 -21.47 19.73
CA ASN A 51 16.68 -21.93 20.03
C ASN A 51 15.78 -21.92 18.80
N ALA A 52 16.31 -21.48 17.66
CA ALA A 52 15.51 -21.43 16.44
C ALA A 52 14.93 -22.82 16.10
N LYS A 53 13.79 -22.83 15.42
CA LYS A 53 13.13 -24.07 15.04
C LYS A 53 13.06 -24.07 13.52
N THR A 54 13.70 -25.05 12.92
CA THR A 54 13.70 -25.12 11.47
C THR A 54 12.68 -26.11 10.92
N LYS A 55 11.90 -25.66 9.94
CA LYS A 55 10.87 -26.49 9.35
C LYS A 55 11.34 -27.32 8.20
N PRO A 56 10.81 -28.55 8.10
CA PRO A 56 11.14 -29.52 7.05
C PRO A 56 10.99 -28.91 5.66
N ARG A 57 12.07 -28.88 4.88
CA ARG A 57 11.99 -28.29 3.55
C ARG A 57 10.74 -28.80 2.86
N GLU A 58 10.36 -28.11 1.79
CA GLU A 58 9.18 -28.49 1.03
C GLU A 58 9.44 -28.25 -0.45
N GLU A 59 9.52 -29.35 -1.20
CA GLU A 59 9.77 -29.30 -2.64
C GLU A 59 8.69 -28.43 -3.26
N GLN A 60 9.12 -27.32 -3.86
CA GLN A 60 8.20 -26.37 -4.46
C GLN A 60 7.65 -26.85 -5.80
N TYR A 61 6.36 -26.56 -6.02
CA TYR A 61 5.68 -26.93 -7.25
C TYR A 61 6.50 -26.58 -8.50
N ASN A 62 7.50 -25.72 -8.32
CA ASN A 62 8.36 -25.29 -9.44
C ASN A 62 9.69 -26.05 -9.57
N SER A 63 9.80 -27.17 -8.87
CA SER A 63 11.01 -27.99 -8.93
C SER A 63 12.25 -27.40 -8.24
N THR A 64 12.03 -26.62 -7.17
CA THR A 64 13.10 -26.02 -6.37
C THR A 64 12.78 -26.36 -4.90
N TYR A 65 13.37 -25.65 -3.96
CA TYR A 65 13.06 -25.95 -2.57
C TYR A 65 12.63 -24.75 -1.76
N ARG A 66 12.37 -25.00 -0.49
CA ARG A 66 11.97 -23.97 0.44
C ARG A 66 12.22 -24.46 1.83
N VAL A 67 13.07 -23.75 2.57
CA VAL A 67 13.39 -24.12 3.94
C VAL A 67 13.07 -22.94 4.85
N VAL A 68 12.51 -23.23 6.02
CA VAL A 68 12.18 -22.14 6.92
C VAL A 68 12.63 -22.42 8.33
N SER A 69 13.21 -21.41 8.96
CA SER A 69 13.63 -21.50 10.35
C SER A 69 12.84 -20.42 11.04
N VAL A 70 12.49 -20.63 12.29
CA VAL A 70 11.73 -19.64 13.04
C VAL A 70 12.37 -19.37 14.39
N LEU A 71 12.78 -18.14 14.63
CA LEU A 71 13.38 -17.79 15.91
C LEU A 71 12.36 -17.04 16.73
N THR A 72 12.00 -17.62 17.86
CA THR A 72 11.05 -17.01 18.79
C THR A 72 11.84 -15.87 19.45
N VAL A 73 11.22 -14.69 19.63
CA VAL A 73 11.89 -13.54 20.24
C VAL A 73 11.16 -12.94 21.45
N LEU A 74 11.90 -12.13 22.22
CA LEU A 74 11.39 -11.47 23.42
C LEU A 74 10.71 -10.17 23.00
N HIS A 75 9.45 -9.96 23.41
CA HIS A 75 8.72 -8.74 23.05
C HIS A 75 9.58 -7.46 23.24
N GLN A 76 10.10 -7.30 24.46
CA GLN A 76 10.94 -6.14 24.83
C GLN A 76 12.10 -5.92 23.91
N ASP A 77 12.76 -7.01 23.52
CA ASP A 77 13.94 -6.98 22.64
C ASP A 77 13.61 -6.41 21.27
N TRP A 78 12.49 -6.86 20.69
CA TRP A 78 12.09 -6.34 19.40
C TRP A 78 11.71 -4.89 19.64
N LEU A 79 10.84 -4.70 20.63
CA LEU A 79 10.37 -3.39 20.99
C LEU A 79 11.54 -2.46 21.37
N ASN A 80 12.66 -3.01 21.83
CA ASN A 80 13.76 -2.14 22.21
C ASN A 80 14.82 -1.97 21.16
N GLY A 81 14.54 -2.46 19.96
CA GLY A 81 15.47 -2.28 18.86
C GLY A 81 16.52 -3.31 18.59
N LYS A 82 16.46 -4.46 19.26
CA LYS A 82 17.45 -5.51 19.03
C LYS A 82 17.45 -5.96 17.57
N GLU A 83 18.64 -6.23 17.04
CA GLU A 83 18.79 -6.66 15.64
C GLU A 83 18.92 -8.19 15.48
N TYR A 84 18.14 -8.75 14.56
CA TYR A 84 18.17 -10.19 14.34
C TYR A 84 18.77 -10.53 12.98
N LYS A 85 19.80 -11.36 13.01
CA LYS A 85 20.46 -11.76 11.79
C LYS A 85 20.31 -13.25 11.53
N CYS A 86 19.99 -13.58 10.29
CA CYS A 86 19.85 -14.97 9.92
C CYS A 86 20.97 -15.25 8.91
N LYS A 87 21.71 -16.33 9.13
CA LYS A 87 22.81 -16.71 8.25
C LYS A 87 22.47 -18.06 7.67
N VAL A 88 22.47 -18.14 6.34
CA VAL A 88 22.18 -19.40 5.67
C VAL A 88 23.41 -19.91 4.90
N SER A 89 23.81 -21.14 5.20
CA SER A 89 24.96 -21.74 4.54
C SER A 89 24.53 -22.89 3.64
N ASN A 90 24.90 -22.83 2.37
CA ASN A 90 24.57 -23.88 1.41
C ASN A 90 25.73 -24.01 0.45
N LYS A 91 26.13 -25.26 0.21
CA LYS A 91 27.25 -25.56 -0.68
C LYS A 91 27.21 -24.81 -2.01
N ALA A 92 26.02 -24.42 -2.46
CA ALA A 92 25.83 -23.68 -3.71
C ALA A 92 26.07 -22.17 -3.59
N LEU A 93 26.68 -21.76 -2.48
CA LEU A 93 26.95 -20.34 -2.22
C LEU A 93 28.44 -20.13 -2.05
N PRO A 94 28.97 -19.05 -2.65
CA PRO A 94 30.40 -18.75 -2.53
C PRO A 94 30.71 -18.54 -1.05
N ALA A 95 29.79 -17.84 -0.42
CA ALA A 95 29.89 -17.55 0.99
C ALA A 95 28.44 -17.53 1.51
N PRO A 96 28.25 -17.81 2.81
CA PRO A 96 26.89 -17.81 3.37
C PRO A 96 26.17 -16.47 3.19
N ILE A 97 24.83 -16.52 3.10
CA ILE A 97 24.00 -15.32 2.95
C ILE A 97 23.58 -14.80 4.33
N GLU A 98 23.58 -13.48 4.49
CA GLU A 98 23.23 -12.86 5.76
C GLU A 98 22.14 -11.82 5.61
N LYS A 99 21.10 -11.91 6.45
CA LYS A 99 20.01 -10.92 6.44
C LYS A 99 19.74 -10.48 7.86
N THR A 100 19.49 -9.19 8.04
CA THR A 100 19.25 -8.65 9.36
C THR A 100 17.98 -7.79 9.37
N ILE A 101 17.32 -7.73 10.51
CA ILE A 101 16.12 -6.89 10.67
C ILE A 101 15.91 -6.47 12.13
N SER A 102 15.29 -5.30 12.28
CA SER A 102 14.96 -4.75 13.58
C SER A 102 13.74 -3.84 13.43
N LYS A 103 13.25 -3.30 14.53
CA LYS A 103 12.13 -2.39 14.50
C LYS A 103 12.63 -1.05 13.92
N ALA A 104 11.81 -0.41 13.10
CA ALA A 104 12.16 0.87 12.51
C ALA A 104 12.72 1.77 13.60
N LYS A 105 13.72 2.57 13.25
CA LYS A 105 14.34 3.46 14.21
C LYS A 105 13.57 4.80 14.28
N GLY A 106 13.45 5.34 15.49
CA GLY A 106 12.72 6.60 15.65
C GLY A 106 11.89 6.65 16.91
N GLN A 107 11.62 7.86 17.42
CA GLN A 107 10.82 7.95 18.64
C GLN A 107 9.38 7.60 18.32
N PRO A 108 8.79 6.70 19.10
CA PRO A 108 7.41 6.28 18.90
C PRO A 108 6.48 7.45 19.07
N ARG A 109 5.44 7.52 18.24
CA ARG A 109 4.48 8.59 18.33
C ARG A 109 3.13 7.94 18.53
N GLU A 110 2.38 8.43 19.52
CA GLU A 110 1.04 7.91 19.83
C GLU A 110 -0.01 8.14 18.72
N PRO A 111 -0.69 7.07 18.29
CA PRO A 111 -1.69 7.21 17.23
C PRO A 111 -2.95 7.83 17.78
N GLN A 112 -3.61 8.67 17.00
CA GLN A 112 -4.87 9.28 17.42
C GLN A 112 -5.95 8.60 16.61
N VAL A 113 -6.99 8.15 17.30
CA VAL A 113 -8.07 7.42 16.67
C VAL A 113 -9.32 8.24 16.55
N TYR A 114 -9.89 8.26 15.35
CA TYR A 114 -11.08 9.07 15.15
C TYR A 114 -12.16 8.30 14.39
N THR A 115 -13.30 8.03 15.03
CA THR A 115 -14.36 7.33 14.34
C THR A 115 -15.25 8.32 13.56
N LEU A 116 -15.68 7.92 12.36
CA LEU A 116 -16.51 8.80 11.53
C LEU A 116 -17.68 8.04 10.98
N PRO A 117 -18.88 8.59 11.12
CA PRO A 117 -20.08 7.92 10.62
C PRO A 117 -20.18 7.98 9.09
N PRO A 118 -21.09 7.18 8.52
CA PRO A 118 -21.28 7.16 7.06
C PRO A 118 -21.52 8.53 6.48
N SER A 119 -21.41 8.67 5.17
CA SER A 119 -21.69 9.95 4.55
C SER A 119 -23.21 9.98 4.38
N ARG A 120 -23.80 11.16 4.47
CA ARG A 120 -25.25 11.24 4.30
C ARG A 120 -25.59 10.47 3.02
N ASP A 121 -24.92 10.86 1.93
CA ASP A 121 -25.10 10.27 0.61
C ASP A 121 -25.07 8.76 0.57
N GLU A 122 -24.42 8.15 1.55
CA GLU A 122 -24.33 6.71 1.55
C GLU A 122 -25.53 6.07 2.22
N LEU A 123 -26.30 6.87 2.94
CA LEU A 123 -27.47 6.37 3.66
C LEU A 123 -28.56 5.94 2.70
N THR A 124 -28.38 6.31 1.44
CA THR A 124 -29.33 5.92 0.43
C THR A 124 -29.13 4.44 0.10
N LYS A 125 -28.09 3.83 0.68
CA LYS A 125 -27.77 2.42 0.39
C LYS A 125 -28.18 1.41 1.44
N ASN A 126 -28.11 0.15 1.04
CA ASN A 126 -28.49 -0.95 1.92
C ASN A 126 -27.40 -1.21 2.92
N GLN A 127 -26.20 -0.81 2.57
CA GLN A 127 -25.09 -1.00 3.46
C GLN A 127 -24.35 0.33 3.59
N VAL A 128 -23.83 0.61 4.78
CA VAL A 128 -23.10 1.86 5.00
C VAL A 128 -21.69 1.61 5.55
N SER A 129 -20.78 2.55 5.28
CA SER A 129 -19.41 2.41 5.77
C SER A 129 -19.12 3.16 7.09
N LEU A 130 -18.56 2.43 8.06
CA LEU A 130 -18.18 3.00 9.35
C LEU A 130 -16.66 3.14 9.26
N THR A 131 -16.15 4.37 9.45
CA THR A 131 -14.72 4.64 9.33
C THR A 131 -13.94 4.92 10.62
N CYS A 132 -12.71 4.42 10.63
CA CYS A 132 -11.80 4.62 11.74
C CYS A 132 -10.52 5.13 11.10
N LEU A 133 -10.18 6.36 11.41
CA LEU A 133 -8.97 6.93 10.88
C LEU A 133 -8.01 6.90 12.03
N VAL A 134 -6.82 6.37 11.80
CA VAL A 134 -5.80 6.34 12.84
C VAL A 134 -4.59 7.07 12.24
N LYS A 135 -4.18 8.17 12.87
CA LYS A 135 -3.08 8.95 12.33
C LYS A 135 -1.99 9.31 13.34
N GLY A 136 -0.90 9.86 12.80
CA GLY A 136 0.23 10.29 13.59
C GLY A 136 0.96 9.23 14.42
N PHE A 137 0.96 7.97 14.01
CA PHE A 137 1.66 6.96 14.79
C PHE A 137 3.02 6.60 14.18
N TYR A 138 3.96 6.19 15.05
CA TYR A 138 5.28 5.77 14.61
C TYR A 138 5.85 4.80 15.64
N PRO A 139 6.42 3.66 15.19
CA PRO A 139 6.56 3.21 13.79
C PRO A 139 5.23 2.72 13.17
N SER A 140 5.30 2.28 11.92
CA SER A 140 4.13 1.82 11.18
C SER A 140 3.44 0.54 11.68
N ASP A 141 4.10 -0.18 12.59
CA ASP A 141 3.54 -1.42 13.13
C ASP A 141 2.29 -1.19 13.94
N ILE A 142 1.17 -1.76 13.51
CA ILE A 142 -0.05 -1.54 14.25
C ILE A 142 -1.09 -2.64 13.99
N ALA A 143 -2.15 -2.67 14.78
CA ALA A 143 -3.23 -3.64 14.60
C ALA A 143 -4.54 -2.94 14.92
N VAL A 144 -5.50 -3.03 14.01
CA VAL A 144 -6.81 -2.41 14.13
C VAL A 144 -7.93 -3.43 13.96
N GLU A 145 -8.90 -3.36 14.87
CA GLU A 145 -10.03 -4.28 14.82
C GLU A 145 -11.31 -3.56 15.18
N TRP A 146 -12.43 -4.22 14.92
CA TRP A 146 -13.73 -3.66 15.23
C TRP A 146 -14.49 -4.70 16.03
N GLU A 147 -15.35 -4.24 16.94
CA GLU A 147 -16.18 -5.13 17.73
C GLU A 147 -17.52 -4.42 17.89
N SER A 148 -18.46 -5.10 18.54
CA SER A 148 -19.79 -4.55 18.79
C SER A 148 -20.46 -5.54 19.72
N ASN A 149 -21.26 -5.03 20.65
CA ASN A 149 -21.98 -5.87 21.60
C ASN A 149 -21.03 -6.91 22.19
N GLY A 150 -19.82 -6.46 22.53
CA GLY A 150 -18.83 -7.36 23.11
C GLY A 150 -18.38 -8.46 22.16
N GLN A 151 -18.75 -8.37 20.90
CA GLN A 151 -18.35 -9.39 19.95
C GLN A 151 -17.63 -8.77 18.79
N PRO A 152 -16.72 -9.52 18.17
CA PRO A 152 -15.97 -8.97 17.04
C PRO A 152 -16.81 -8.83 15.77
N GLU A 153 -16.47 -7.83 14.96
CA GLU A 153 -17.13 -7.62 13.69
C GLU A 153 -16.02 -7.89 12.69
N ASN A 154 -16.28 -8.77 11.73
CA ASN A 154 -15.24 -9.13 10.79
C ASN A 154 -15.40 -8.62 9.39
N ASN A 155 -16.47 -7.89 9.15
CA ASN A 155 -16.70 -7.34 7.82
C ASN A 155 -16.00 -5.97 7.60
N TYR A 156 -14.69 -5.95 7.83
CA TYR A 156 -13.91 -4.74 7.64
C TYR A 156 -12.63 -4.98 6.88
N LYS A 157 -12.13 -3.91 6.29
CA LYS A 157 -10.89 -3.95 5.56
C LYS A 157 -10.17 -2.69 6.01
N THR A 158 -8.86 -2.82 6.23
CA THR A 158 -8.04 -1.72 6.69
C THR A 158 -6.99 -1.47 5.64
N THR A 159 -6.65 -0.21 5.43
CA THR A 159 -5.66 0.10 4.43
C THR A 159 -4.29 -0.07 5.03
N PRO A 160 -3.29 -0.14 4.19
CA PRO A 160 -1.93 -0.28 4.77
C PRO A 160 -1.60 1.09 5.35
N PRO A 161 -0.57 1.17 6.21
CA PRO A 161 -0.20 2.46 6.79
C PRO A 161 0.41 3.30 5.69
N VAL A 162 0.18 4.61 5.75
CA VAL A 162 0.70 5.51 4.75
C VAL A 162 1.52 6.58 5.44
N LEU A 163 2.65 6.91 4.83
CA LEU A 163 3.55 7.90 5.34
C LEU A 163 2.95 9.30 5.17
N ASP A 164 2.70 9.97 6.28
CA ASP A 164 2.15 11.33 6.22
C ASP A 164 3.23 12.37 5.93
N SER A 165 2.86 13.64 5.88
CA SER A 165 3.88 14.63 5.60
C SER A 165 4.80 14.97 6.78
N ASP A 166 4.45 14.52 7.97
CA ASP A 166 5.24 14.85 9.14
C ASP A 166 6.04 13.69 9.71
N GLY A 167 6.23 12.67 8.89
CA GLY A 167 7.00 11.51 9.30
C GLY A 167 6.27 10.43 10.05
N SER A 168 5.01 10.69 10.35
CA SER A 168 4.19 9.71 11.06
C SER A 168 3.39 8.99 9.99
N PHE A 169 2.70 7.93 10.38
CA PHE A 169 1.86 7.15 9.47
C PHE A 169 0.40 7.31 9.84
N PHE A 170 -0.47 7.02 8.88
CA PHE A 170 -1.91 7.05 9.12
C PHE A 170 -2.51 5.88 8.32
N LEU A 171 -3.74 5.53 8.64
CA LEU A 171 -4.44 4.48 7.91
C LEU A 171 -5.92 4.63 8.18
N TYR A 172 -6.72 3.89 7.44
CA TYR A 172 -8.17 3.94 7.61
C TYR A 172 -8.69 2.51 7.61
N SER A 173 -9.68 2.24 8.46
CA SER A 173 -10.28 0.93 8.53
C SER A 173 -11.74 1.15 8.19
N LYS A 174 -12.31 0.29 7.34
CA LYS A 174 -13.69 0.46 6.95
C LYS A 174 -14.54 -0.76 7.29
N LEU A 175 -15.48 -0.56 8.21
CA LEU A 175 -16.41 -1.60 8.63
C LEU A 175 -17.70 -1.38 7.85
N THR A 176 -18.10 -2.36 7.06
CA THR A 176 -19.34 -2.22 6.31
C THR A 176 -20.46 -2.93 7.06
N VAL A 177 -21.57 -2.23 7.31
CA VAL A 177 -22.70 -2.83 8.03
C VAL A 177 -23.99 -2.52 7.30
N ASP A 178 -25.06 -3.18 7.71
CA ASP A 178 -26.35 -2.92 7.08
C ASP A 178 -26.90 -1.63 7.66
N LYS A 179 -27.40 -0.74 6.81
CA LYS A 179 -27.95 0.53 7.26
C LYS A 179 -28.88 0.38 8.47
N SER A 180 -29.69 -0.67 8.47
CA SER A 180 -30.61 -0.90 9.58
C SER A 180 -29.87 -1.13 10.90
N ARG A 181 -28.77 -1.89 10.85
CA ARG A 181 -27.97 -2.16 12.05
C ARG A 181 -27.34 -0.87 12.59
N TRP A 182 -27.14 0.10 11.70
CA TRP A 182 -26.57 1.38 12.07
C TRP A 182 -27.68 2.28 12.57
N GLN A 183 -28.72 2.41 11.75
CA GLN A 183 -29.86 3.27 12.08
C GLN A 183 -30.58 2.79 13.32
N GLN A 184 -30.31 1.54 13.70
CA GLN A 184 -30.92 0.97 14.88
C GLN A 184 -30.14 1.31 16.12
N GLY A 185 -29.23 2.27 16.01
CA GLY A 185 -28.45 2.73 17.16
C GLY A 185 -27.40 1.80 17.74
N ASN A 186 -27.15 0.68 17.07
CA ASN A 186 -26.13 -0.25 17.56
C ASN A 186 -24.80 0.52 17.67
N VAL A 187 -23.99 0.14 18.65
CA VAL A 187 -22.69 0.78 18.86
C VAL A 187 -21.51 -0.08 18.39
N PHE A 188 -20.61 0.57 17.67
CA PHE A 188 -19.44 -0.06 17.12
C PHE A 188 -18.20 0.58 17.72
N SER A 189 -17.14 -0.21 17.90
CA SER A 189 -15.89 0.32 18.45
C SER A 189 -14.73 -0.11 17.60
N CYS A 190 -13.78 0.80 17.46
CA CYS A 190 -12.60 0.51 16.69
C CYS A 190 -11.53 0.50 17.73
N SER A 191 -10.87 -0.65 17.91
CA SER A 191 -9.81 -0.72 18.90
C SER A 191 -8.49 -0.72 18.16
N VAL A 192 -7.49 -0.13 18.79
CA VAL A 192 -6.17 -0.03 18.18
C VAL A 192 -5.09 -0.53 19.11
N MET A 193 -4.11 -1.21 18.54
CA MET A 193 -3.01 -1.75 19.32
C MET A 193 -1.72 -1.20 18.75
N HIS A 194 -0.97 -0.50 19.60
CA HIS A 194 0.30 0.11 19.20
C HIS A 194 1.17 0.20 20.43
N GLU A 195 2.46 0.39 20.17
CA GLU A 195 3.50 0.47 21.17
C GLU A 195 3.42 1.75 21.99
N ALA A 196 3.10 2.85 21.31
CA ALA A 196 3.01 4.16 21.93
C ALA A 196 1.66 4.42 22.59
N LEU A 197 0.83 3.39 22.70
CA LEU A 197 -0.46 3.55 23.34
C LEU A 197 -0.29 3.00 24.77
N HIS A 198 -0.94 3.64 25.73
CA HIS A 198 -0.83 3.20 27.11
C HIS A 198 -1.42 1.81 27.20
N ASN A 199 -0.60 0.86 27.62
CA ASN A 199 -1.02 -0.54 27.72
C ASN A 199 -1.21 -1.12 26.31
N HIS A 200 -0.59 -0.46 25.33
CA HIS A 200 -0.67 -0.91 23.96
C HIS A 200 -2.11 -1.04 23.50
N TYR A 201 -3.00 -0.21 24.00
CA TYR A 201 -4.38 -0.33 23.59
C TYR A 201 -5.22 0.92 23.78
N THR A 202 -6.21 1.06 22.90
CA THR A 202 -7.13 2.17 22.95
C THR A 202 -8.36 1.76 22.16
N GLN A 203 -9.47 2.45 22.40
CA GLN A 203 -10.74 2.16 21.74
C GLN A 203 -11.48 3.47 21.44
N LYS A 204 -12.38 3.43 20.47
CA LYS A 204 -13.18 4.59 20.14
C LYS A 204 -14.46 4.05 19.57
N SER A 205 -15.57 4.49 20.17
CA SER A 205 -16.88 4.04 19.77
C SER A 205 -17.54 4.97 18.80
N LEU A 206 -18.56 4.45 18.14
CA LEU A 206 -19.29 5.20 17.14
C LEU A 206 -20.71 4.61 17.03
N SER A 207 -21.70 5.48 16.99
CA SER A 207 -23.10 5.09 16.86
C SER A 207 -23.91 6.30 16.40
N LEU A 208 -25.21 6.13 16.29
CA LEU A 208 -26.08 7.18 15.78
C LEU A 208 -26.48 8.35 16.69
N SER A 209 -26.35 9.55 16.12
CA SER A 209 -26.71 10.84 16.73
C SER A 209 -25.73 11.92 16.28
N PHE B 1 -8.30 -11.47 26.40
CA PHE B 1 -6.97 -11.36 27.06
C PHE B 1 -7.03 -10.76 28.47
N ASN B 2 -6.17 -11.30 29.35
CA ASN B 2 -6.08 -10.83 30.72
C ASN B 2 -5.61 -9.39 30.68
N MET B 3 -6.50 -8.45 31.02
CA MET B 3 -6.14 -7.03 31.03
C MET B 3 -5.14 -6.78 32.17
N GLN B 4 -5.01 -7.77 33.05
CA GLN B 4 -4.08 -7.72 34.18
C GLN B 4 -2.66 -7.99 33.63
N CYS B 5 -2.61 -8.90 32.66
CA CYS B 5 -1.37 -9.30 32.02
C CYS B 5 -0.79 -8.16 31.21
N GLN B 6 -1.67 -7.50 30.46
CA GLN B 6 -1.28 -6.38 29.64
C GLN B 6 -0.78 -5.20 30.48
N ARG B 7 -1.44 -4.93 31.61
CA ARG B 7 -1.04 -3.82 32.45
C ARG B 7 0.32 -4.04 33.12
N ARG B 8 0.51 -5.23 33.69
CA ARG B 8 1.75 -5.56 34.37
C ARG B 8 2.90 -5.56 33.36
N PHE B 9 2.64 -6.17 32.21
CA PHE B 9 3.65 -6.24 31.18
C PHE B 9 4.09 -4.83 30.79
N TYR B 10 3.10 -3.97 30.56
CA TYR B 10 3.35 -2.60 30.15
C TYR B 10 4.16 -1.83 31.17
N GLU B 11 3.75 -1.97 32.43
CA GLU B 11 4.44 -1.31 33.54
C GLU B 11 5.90 -1.77 33.65
N ALA B 12 6.10 -3.07 33.65
CA ALA B 12 7.44 -3.65 33.73
C ALA B 12 8.30 -3.20 32.57
N LEU B 13 7.68 -3.12 31.41
CA LEU B 13 8.38 -2.71 30.21
C LEU B 13 8.87 -1.29 30.30
N HIS B 14 8.14 -0.46 31.05
CA HIS B 14 8.50 0.95 31.19
C HIS B 14 9.06 1.39 32.55
N ASP B 15 9.15 0.47 33.50
CA ASP B 15 9.68 0.77 34.83
C ASP B 15 11.15 1.20 34.72
N PRO B 16 11.47 2.46 35.09
CA PRO B 16 12.85 2.97 35.01
C PRO B 16 13.83 2.44 36.08
N ASN B 17 13.27 1.76 37.08
CA ASN B 17 14.04 1.17 38.20
C ASN B 17 14.67 -0.17 37.79
N LEU B 18 14.12 -0.78 36.73
CA LEU B 18 14.62 -2.05 36.27
C LEU B 18 15.62 -1.86 35.15
N ASN B 19 16.71 -2.61 35.20
CA ASN B 19 17.67 -2.53 34.10
C ASN B 19 17.24 -3.72 33.21
N GLU B 20 17.90 -3.90 32.06
CA GLU B 20 17.51 -4.97 31.15
C GLU B 20 17.35 -6.36 31.73
N GLU B 21 18.28 -6.76 32.59
CA GLU B 21 18.22 -8.07 33.22
C GLU B 21 17.03 -8.15 34.15
N GLN B 22 16.80 -7.05 34.86
CA GLN B 22 15.71 -6.97 35.81
C GLN B 22 14.36 -6.97 35.11
N ARG B 23 14.26 -6.18 34.06
CA ARG B 23 13.02 -6.09 33.30
C ARG B 23 12.70 -7.45 32.70
N ASN B 24 13.69 -8.05 32.05
CA ASN B 24 13.52 -9.35 31.42
C ASN B 24 13.00 -10.39 32.41
N ALA B 25 13.56 -10.33 33.62
CA ALA B 25 13.21 -11.25 34.69
C ALA B 25 11.77 -11.00 35.16
N LYS B 26 11.42 -9.72 35.28
CA LYS B 26 10.08 -9.39 35.73
C LYS B 26 9.06 -9.75 34.65
N ILE B 27 9.41 -9.50 33.40
CA ILE B 27 8.49 -9.80 32.32
C ILE B 27 8.31 -11.30 32.18
N LYS B 28 9.39 -12.06 32.38
CA LYS B 28 9.28 -13.51 32.29
C LYS B 28 8.32 -13.99 33.35
N SER B 29 8.39 -13.38 34.53
CA SER B 29 7.51 -13.75 35.62
C SER B 29 6.06 -13.46 35.27
N ILE B 30 5.83 -12.31 34.67
CA ILE B 30 4.49 -11.93 34.30
C ILE B 30 3.99 -12.91 33.25
N ARG B 31 4.87 -13.22 32.29
CA ARG B 31 4.52 -14.13 31.21
C ARG B 31 4.16 -15.53 31.70
N ASP B 32 4.98 -16.07 32.57
CA ASP B 32 4.75 -17.41 33.06
C ASP B 32 3.46 -17.61 33.81
N ASP B 33 2.96 -16.59 34.49
CA ASP B 33 1.72 -16.78 35.20
C ASP B 33 0.61 -16.05 34.45
N CYS B 34 0.77 -16.02 33.14
CA CYS B 34 -0.20 -15.37 32.24
C CYS B 34 -0.67 -16.37 31.21
N GLY C 1 24.70 -12.99 -14.61
CA GLY C 1 24.17 -11.60 -14.47
C GLY C 1 23.39 -11.14 -15.69
N GLY C 2 23.76 -9.97 -16.22
CA GLY C 2 23.09 -9.42 -17.38
C GLY C 2 22.05 -8.36 -17.09
N PRO C 3 21.84 -7.41 -18.02
CA PRO C 3 20.85 -6.34 -17.83
C PRO C 3 19.41 -6.86 -17.61
N SER C 4 18.61 -6.10 -16.87
CA SER C 4 17.21 -6.45 -16.59
C SER C 4 16.32 -5.36 -17.14
N VAL C 5 15.05 -5.67 -17.33
CA VAL C 5 14.09 -4.72 -17.88
C VAL C 5 12.80 -4.68 -17.08
N PHE C 6 12.23 -3.48 -16.95
CA PHE C 6 10.96 -3.25 -16.26
C PHE C 6 10.10 -2.35 -17.15
N LEU C 7 8.84 -2.73 -17.34
CA LEU C 7 7.89 -2.00 -18.21
C LEU C 7 6.84 -1.32 -17.35
N PHE C 8 6.67 -0.01 -17.49
CA PHE C 8 5.70 0.69 -16.66
C PHE C 8 4.46 1.16 -17.40
N PRO C 9 3.30 1.05 -16.75
CA PRO C 9 2.02 1.47 -17.33
C PRO C 9 1.86 2.97 -17.22
N PRO C 10 0.98 3.58 -18.04
CA PRO C 10 0.74 5.02 -18.00
C PRO C 10 0.07 5.47 -16.67
N LYS C 11 0.10 6.75 -16.34
CA LYS C 11 -0.52 7.20 -15.11
C LYS C 11 -2.01 7.33 -15.36
N PRO C 12 -2.84 6.84 -14.43
CA PRO C 12 -4.30 6.88 -14.50
C PRO C 12 -4.83 8.20 -15.00
N LYS C 13 -4.35 9.27 -14.39
CA LYS C 13 -4.79 10.61 -14.76
C LYS C 13 -4.46 10.99 -16.19
N ASP C 14 -3.44 10.33 -16.74
CA ASP C 14 -2.95 10.56 -18.10
C ASP C 14 -3.78 9.86 -19.17
N THR C 15 -4.22 8.64 -18.87
CA THR C 15 -5.00 7.89 -19.84
C THR C 15 -6.44 8.36 -19.86
N LEU C 16 -6.84 9.08 -18.81
CA LEU C 16 -8.20 9.59 -18.66
C LEU C 16 -8.46 10.97 -19.22
N MET C 17 -7.42 11.80 -19.29
CA MET C 17 -7.56 13.14 -19.79
C MET C 17 -7.00 13.24 -21.17
N ILE C 18 -7.77 13.75 -22.10
CA ILE C 18 -7.28 13.90 -23.46
C ILE C 18 -6.20 14.98 -23.48
N SER C 19 -6.24 15.83 -22.45
CA SER C 19 -5.30 16.94 -22.28
C SER C 19 -3.88 16.42 -22.02
N ARG C 20 -3.82 15.24 -21.42
CA ARG C 20 -2.53 14.65 -21.10
C ARG C 20 -2.03 13.66 -22.15
N THR C 21 -0.83 13.16 -21.91
CA THR C 21 -0.17 12.23 -22.82
C THR C 21 0.26 10.96 -22.11
N PRO C 22 -0.57 9.90 -22.15
CA PRO C 22 -0.24 8.63 -21.51
C PRO C 22 0.95 7.96 -22.19
N GLU C 23 1.69 7.16 -21.43
CA GLU C 23 2.83 6.48 -22.00
C GLU C 23 3.28 5.29 -21.20
N VAL C 24 3.83 4.31 -21.93
CA VAL C 24 4.36 3.09 -21.36
C VAL C 24 5.87 3.29 -21.41
N THR C 25 6.53 3.08 -20.29
CA THR C 25 7.97 3.26 -20.19
C THR C 25 8.70 1.95 -19.96
N CYS C 26 9.69 1.69 -20.84
CA CYS C 26 10.50 0.49 -20.75
C CYS C 26 11.87 0.85 -20.22
N VAL C 27 12.14 0.48 -18.99
CA VAL C 27 13.42 0.80 -18.38
C VAL C 27 14.31 -0.43 -18.34
N VAL C 28 15.56 -0.22 -18.76
CA VAL C 28 16.57 -1.26 -18.77
C VAL C 28 17.64 -0.83 -17.80
N VAL C 29 18.05 -1.73 -16.92
CA VAL C 29 19.07 -1.37 -15.93
C VAL C 29 20.21 -2.38 -15.94
N ASP C 30 21.22 -2.19 -15.09
CA ASP C 30 22.34 -3.10 -15.00
C ASP C 30 22.91 -3.37 -16.39
N VAL C 31 22.93 -2.33 -17.22
CA VAL C 31 23.43 -2.47 -18.57
C VAL C 31 24.94 -2.38 -18.50
N SER C 32 25.61 -3.43 -18.95
CA SER C 32 27.08 -3.52 -18.92
C SER C 32 27.83 -2.29 -19.45
N HIS C 33 28.81 -1.85 -18.65
CA HIS C 33 29.61 -0.69 -18.99
C HIS C 33 30.41 -0.91 -20.29
N GLU C 34 30.70 -2.17 -20.60
CA GLU C 34 31.45 -2.51 -21.80
C GLU C 34 30.49 -2.65 -22.97
N ASP C 35 29.47 -3.48 -22.80
CA ASP C 35 28.46 -3.70 -23.84
C ASP C 35 27.20 -2.89 -23.49
N PRO C 36 27.25 -1.56 -23.68
CA PRO C 36 26.07 -0.76 -23.36
C PRO C 36 25.13 -0.53 -24.55
N GLU C 37 25.38 -1.20 -25.67
CA GLU C 37 24.52 -1.05 -26.84
C GLU C 37 23.21 -1.76 -26.52
N VAL C 38 22.13 -0.99 -26.43
CA VAL C 38 20.81 -1.51 -26.11
C VAL C 38 19.84 -1.14 -27.22
N LYS C 39 19.02 -2.10 -27.65
CA LYS C 39 18.06 -1.81 -28.72
C LYS C 39 16.64 -2.25 -28.38
N PHE C 40 15.73 -1.30 -28.43
CA PHE C 40 14.35 -1.58 -28.12
C PHE C 40 13.50 -1.82 -29.37
N ASN C 41 12.49 -2.66 -29.22
CA ASN C 41 11.53 -2.94 -30.29
C ASN C 41 10.18 -2.86 -29.59
N TRP C 42 9.20 -2.17 -30.18
CA TRP C 42 7.87 -2.03 -29.58
C TRP C 42 6.75 -2.55 -30.48
N TYR C 43 5.82 -3.25 -29.86
CA TYR C 43 4.70 -3.80 -30.60
C TYR C 43 3.45 -3.48 -29.82
N VAL C 44 2.39 -3.22 -30.54
CA VAL C 44 1.12 -2.93 -29.91
C VAL C 44 0.23 -4.04 -30.43
N ASP C 45 -0.17 -4.95 -29.53
CA ASP C 45 -1.04 -6.04 -29.91
C ASP C 45 -0.38 -6.82 -31.04
N GLY C 46 0.91 -7.10 -30.88
CA GLY C 46 1.64 -7.85 -31.89
C GLY C 46 2.34 -7.05 -32.99
N VAL C 47 1.70 -6.00 -33.50
CA VAL C 47 2.31 -5.20 -34.56
C VAL C 47 3.37 -4.19 -34.09
N GLU C 48 4.52 -4.18 -34.76
CA GLU C 48 5.57 -3.25 -34.38
C GLU C 48 5.16 -1.81 -34.67
N VAL C 49 5.74 -0.89 -33.91
CA VAL C 49 5.47 0.54 -34.03
C VAL C 49 6.82 1.19 -33.85
N HIS C 50 7.06 2.35 -34.46
CA HIS C 50 8.36 3.00 -34.37
C HIS C 50 8.36 4.44 -33.85
N ASN C 51 7.40 4.80 -33.03
CA ASN C 51 7.33 6.16 -32.54
C ASN C 51 7.81 6.32 -31.10
N ALA C 52 8.47 5.30 -30.57
CA ALA C 52 8.96 5.39 -29.20
C ALA C 52 10.06 6.46 -29.17
N LYS C 53 10.41 6.92 -27.97
CA LYS C 53 11.45 7.93 -27.80
C LYS C 53 12.43 7.37 -26.78
N THR C 54 13.61 6.99 -27.25
CA THR C 54 14.61 6.41 -26.36
C THR C 54 15.56 7.46 -25.86
N LYS C 55 15.80 7.43 -24.56
CA LYS C 55 16.68 8.39 -23.93
C LYS C 55 18.09 7.84 -23.86
N PRO C 56 19.07 8.75 -23.77
CA PRO C 56 20.50 8.39 -23.69
C PRO C 56 20.78 7.77 -22.34
N ARG C 57 21.43 6.60 -22.37
CA ARG C 57 21.73 5.87 -21.15
C ARG C 57 22.37 6.75 -20.11
N GLU C 58 22.07 6.44 -18.86
CA GLU C 58 22.56 7.20 -17.74
C GLU C 58 23.42 6.36 -16.82
N GLU C 59 24.66 6.81 -16.64
CA GLU C 59 25.59 6.12 -15.77
C GLU C 59 25.08 6.23 -14.35
N GLN C 60 24.78 5.07 -13.76
CA GLN C 60 24.28 5.00 -12.41
C GLN C 60 25.39 5.35 -11.44
N TYR C 61 25.07 5.49 -10.16
CA TYR C 61 26.10 5.78 -9.17
C TYR C 61 26.77 4.46 -8.82
N ASN C 62 26.01 3.37 -8.97
CA ASN C 62 26.47 2.01 -8.68
C ASN C 62 27.24 1.39 -9.87
N SER C 63 27.87 2.26 -10.65
CA SER C 63 28.68 1.92 -11.83
C SER C 63 28.08 1.00 -12.91
N THR C 64 26.76 1.07 -13.09
CA THR C 64 26.06 0.30 -14.10
C THR C 64 25.36 1.29 -15.02
N TYR C 65 24.64 0.82 -16.02
CA TYR C 65 23.94 1.76 -16.88
C TYR C 65 22.43 1.67 -16.74
N ARG C 66 21.74 2.67 -17.27
CA ARG C 66 20.29 2.71 -17.24
C ARG C 66 19.81 3.30 -18.54
N VAL C 67 18.98 2.55 -19.26
CA VAL C 67 18.46 3.00 -20.55
C VAL C 67 16.95 2.96 -20.58
N VAL C 68 16.36 4.09 -20.88
CA VAL C 68 14.91 4.18 -20.89
C VAL C 68 14.35 4.52 -22.25
N SER C 69 13.27 3.83 -22.61
CA SER C 69 12.59 4.11 -23.85
C SER C 69 11.14 4.38 -23.49
N VAL C 70 10.58 5.39 -24.12
CA VAL C 70 9.21 5.78 -23.82
C VAL C 70 8.27 5.72 -25.00
N LEU C 71 7.21 4.96 -24.84
CA LEU C 71 6.22 4.84 -25.90
C LEU C 71 4.94 5.58 -25.53
N THR C 72 4.61 6.62 -26.29
CA THR C 72 3.37 7.36 -26.06
C THR C 72 2.20 6.47 -26.57
N VAL C 73 1.06 6.48 -25.90
CA VAL C 73 -0.02 5.63 -26.36
C VAL C 73 -1.32 6.39 -26.49
N LEU C 74 -2.31 5.79 -27.16
CA LEU C 74 -3.61 6.44 -27.36
C LEU C 74 -4.44 6.08 -26.17
N HIS C 75 -5.07 7.08 -25.58
CA HIS C 75 -5.88 6.87 -24.39
C HIS C 75 -6.85 5.71 -24.59
N GLN C 76 -7.44 5.65 -25.78
CA GLN C 76 -8.41 4.62 -26.14
C GLN C 76 -7.75 3.26 -26.23
N ASP C 77 -6.60 3.20 -26.88
CA ASP C 77 -5.87 1.95 -27.02
C ASP C 77 -5.61 1.31 -25.64
N TRP C 78 -5.14 2.11 -24.69
CA TRP C 78 -4.88 1.60 -23.36
C TRP C 78 -6.17 1.17 -22.65
N LEU C 79 -7.15 2.08 -22.65
CA LEU C 79 -8.43 1.85 -22.02
C LEU C 79 -9.19 0.69 -22.65
N ASN C 80 -8.91 0.48 -23.93
CA ASN C 80 -9.55 -0.57 -24.70
C ASN C 80 -8.78 -1.88 -24.67
N GLY C 81 -7.84 -1.97 -23.74
CA GLY C 81 -7.09 -3.20 -23.53
C GLY C 81 -6.01 -3.63 -24.47
N LYS C 82 -5.51 -2.72 -25.29
CA LYS C 82 -4.44 -3.06 -26.22
C LYS C 82 -3.25 -3.52 -25.35
N GLU C 83 -2.39 -4.36 -25.93
CA GLU C 83 -1.21 -4.92 -25.25
C GLU C 83 0.08 -4.28 -25.74
N TYR C 84 0.96 -3.89 -24.82
CA TYR C 84 2.20 -3.23 -25.19
C TYR C 84 3.39 -4.07 -24.80
N LYS C 85 4.23 -4.38 -25.78
CA LYS C 85 5.39 -5.18 -25.51
C LYS C 85 6.67 -4.48 -25.88
N CYS C 86 7.60 -4.50 -24.93
CA CYS C 86 8.88 -3.90 -25.16
C CYS C 86 9.79 -5.10 -25.29
N LYS C 87 10.69 -5.05 -26.29
CA LYS C 87 11.64 -6.12 -26.53
C LYS C 87 13.03 -5.51 -26.47
N VAL C 88 13.86 -6.03 -25.57
CA VAL C 88 15.21 -5.49 -25.40
C VAL C 88 16.36 -6.40 -25.75
N SER C 89 17.17 -5.95 -26.70
CA SER C 89 18.32 -6.75 -27.13
C SER C 89 19.64 -6.09 -26.74
N ASN C 90 20.48 -6.84 -26.05
CA ASN C 90 21.80 -6.39 -25.60
C ASN C 90 22.74 -7.57 -25.75
N LYS C 91 23.96 -7.28 -26.19
CA LYS C 91 25.01 -8.29 -26.39
C LYS C 91 25.07 -9.29 -25.26
N ALA C 92 25.04 -8.77 -24.03
CA ALA C 92 25.11 -9.58 -22.82
C ALA C 92 23.86 -10.41 -22.55
N LEU C 93 23.03 -10.61 -23.57
CA LEU C 93 21.82 -11.41 -23.41
C LEU C 93 21.89 -12.61 -24.35
N PRO C 94 21.51 -13.81 -23.87
CA PRO C 94 21.57 -14.95 -24.80
C PRO C 94 20.58 -14.60 -25.89
N ALA C 95 19.37 -14.27 -25.43
CA ALA C 95 18.26 -13.88 -26.29
C ALA C 95 17.66 -12.56 -25.75
N PRO C 96 16.94 -11.82 -26.59
CA PRO C 96 16.34 -10.56 -26.14
C PRO C 96 15.34 -10.78 -25.01
N ILE C 97 15.11 -9.73 -24.22
CA ILE C 97 14.16 -9.81 -23.11
C ILE C 97 12.86 -9.16 -23.61
N GLU C 98 11.74 -9.80 -23.30
CA GLU C 98 10.44 -9.30 -23.70
C GLU C 98 9.60 -9.09 -22.42
N LYS C 99 8.79 -8.02 -22.43
CA LYS C 99 7.90 -7.69 -21.32
C LYS C 99 6.64 -7.09 -21.94
N THR C 100 5.49 -7.49 -21.42
CA THR C 100 4.21 -7.00 -21.93
C THR C 100 3.31 -6.45 -20.81
N ILE C 101 2.45 -5.51 -21.17
CA ILE C 101 1.52 -4.90 -20.21
C ILE C 101 0.26 -4.32 -20.87
N SER C 102 -0.82 -4.27 -20.11
CA SER C 102 -2.07 -3.71 -20.60
C SER C 102 -2.99 -3.49 -19.40
N LYS C 103 -4.10 -2.81 -19.62
CA LYS C 103 -5.05 -2.59 -18.54
C LYS C 103 -5.49 -3.93 -17.92
N ALA C 104 -5.97 -3.86 -16.68
CA ALA C 104 -6.42 -5.03 -15.97
C ALA C 104 -7.73 -5.45 -16.61
N LYS C 105 -7.89 -6.74 -16.89
CA LYS C 105 -9.14 -7.23 -17.50
C LYS C 105 -10.28 -7.32 -16.44
N GLY C 106 -11.50 -6.99 -16.85
CA GLY C 106 -12.59 -7.05 -15.89
C GLY C 106 -13.65 -5.97 -16.00
N GLN C 107 -14.88 -6.29 -15.59
CA GLN C 107 -15.98 -5.34 -15.66
C GLN C 107 -15.79 -4.05 -14.87
N PRO C 108 -15.64 -2.90 -15.57
CA PRO C 108 -15.45 -1.63 -14.88
C PRO C 108 -16.61 -1.42 -13.92
N ARG C 109 -16.40 -0.58 -12.90
CA ARG C 109 -17.42 -0.31 -11.92
C ARG C 109 -17.24 1.12 -11.47
N GLU C 110 -18.36 1.83 -11.34
CA GLU C 110 -18.34 3.22 -10.95
C GLU C 110 -18.02 3.47 -9.48
N PRO C 111 -17.08 4.39 -9.23
CA PRO C 111 -16.76 4.66 -7.83
C PRO C 111 -17.79 5.54 -7.12
N GLN C 112 -18.07 5.22 -5.86
CA GLN C 112 -19.00 6.03 -5.06
C GLN C 112 -18.06 6.94 -4.30
N VAL C 113 -18.32 8.24 -4.35
CA VAL C 113 -17.47 9.22 -3.68
C VAL C 113 -18.20 9.84 -2.49
N TYR C 114 -17.65 9.72 -1.28
CA TYR C 114 -18.30 10.27 -0.09
C TYR C 114 -17.37 11.12 0.78
N THR C 115 -17.77 12.36 1.08
CA THR C 115 -16.94 13.20 1.90
C THR C 115 -17.33 13.13 3.37
N LEU C 116 -16.32 13.10 4.22
CA LEU C 116 -16.52 13.00 5.64
C LEU C 116 -15.78 14.12 6.31
N PRO C 117 -16.45 14.80 7.24
CA PRO C 117 -15.80 15.91 7.93
C PRO C 117 -14.94 15.41 9.09
N PRO C 118 -14.18 16.32 9.73
CA PRO C 118 -13.34 15.91 10.85
C PRO C 118 -14.18 15.33 12.02
N SER C 119 -13.62 14.41 12.78
CA SER C 119 -14.33 13.85 13.93
C SER C 119 -14.30 14.89 15.04
N ARG C 120 -15.30 14.86 15.90
CA ARG C 120 -15.36 15.82 16.98
C ARG C 120 -14.04 15.87 17.73
N ASP C 121 -13.54 14.71 18.14
CA ASP C 121 -12.29 14.63 18.92
C ASP C 121 -11.11 15.27 18.27
N GLU C 122 -11.18 15.56 16.98
CA GLU C 122 -10.02 16.15 16.35
C GLU C 122 -10.00 17.67 16.41
N LEU C 123 -11.17 18.28 16.60
CA LEU C 123 -11.31 19.75 16.65
C LEU C 123 -10.52 20.41 17.77
N THR C 124 -9.99 19.56 18.64
CA THR C 124 -9.16 20.01 19.74
C THR C 124 -7.78 20.34 19.17
N LYS C 125 -7.52 19.90 17.95
CA LYS C 125 -6.24 20.12 17.30
C LYS C 125 -6.21 21.43 16.51
N ASN C 126 -5.00 21.82 16.12
CA ASN C 126 -4.79 23.02 15.33
C ASN C 126 -5.03 22.73 13.84
N GLN C 127 -5.01 21.43 13.51
CA GLN C 127 -5.23 20.96 12.17
C GLN C 127 -6.19 19.79 12.18
N VAL C 128 -7.13 19.83 11.25
CA VAL C 128 -8.13 18.76 11.13
C VAL C 128 -8.02 18.05 9.79
N SER C 129 -8.61 16.87 9.73
CA SER C 129 -8.54 16.07 8.52
C SER C 129 -9.86 15.97 7.77
N LEU C 130 -9.80 16.23 6.48
CA LEU C 130 -10.99 16.11 5.66
C LEU C 130 -10.80 14.79 4.89
N THR C 131 -11.75 13.89 5.04
CA THR C 131 -11.68 12.58 4.41
C THR C 131 -12.60 12.39 3.21
N CYS C 132 -12.11 11.66 2.24
CA CYS C 132 -12.88 11.35 1.06
C CYS C 132 -12.75 9.83 0.84
N LEU C 133 -13.85 9.10 1.00
CA LEU C 133 -13.86 7.66 0.80
C LEU C 133 -14.34 7.37 -0.62
N VAL C 134 -13.53 6.64 -1.38
CA VAL C 134 -13.90 6.30 -2.75
C VAL C 134 -13.97 4.76 -2.78
N LYS C 135 -15.18 4.22 -2.90
CA LYS C 135 -15.38 2.77 -2.91
C LYS C 135 -16.06 2.19 -4.17
N GLY C 136 -16.00 0.87 -4.25
CA GLY C 136 -16.65 0.14 -5.34
C GLY C 136 -16.19 0.31 -6.77
N PHE C 137 -14.99 0.83 -6.99
CA PHE C 137 -14.54 1.01 -8.37
C PHE C 137 -13.73 -0.18 -8.90
N TYR C 138 -13.66 -0.27 -10.23
CA TYR C 138 -12.91 -1.30 -10.94
C TYR C 138 -12.71 -0.86 -12.39
N PRO C 139 -11.47 -0.98 -12.93
CA PRO C 139 -10.24 -1.50 -12.30
C PRO C 139 -9.72 -0.54 -11.22
N SER C 140 -8.62 -0.90 -10.58
CA SER C 140 -8.09 -0.07 -9.50
C SER C 140 -7.35 1.19 -9.93
N ASP C 141 -7.29 1.45 -11.23
CA ASP C 141 -6.65 2.67 -11.75
C ASP C 141 -7.60 3.81 -11.47
N ILE C 142 -7.11 4.81 -10.75
CA ILE C 142 -7.94 5.92 -10.36
C ILE C 142 -7.04 7.04 -9.89
N ALA C 143 -7.53 8.27 -9.93
CA ALA C 143 -6.78 9.42 -9.46
C ALA C 143 -7.72 10.36 -8.65
N VAL C 144 -7.30 10.71 -7.44
CA VAL C 144 -8.06 11.61 -6.56
C VAL C 144 -7.25 12.90 -6.24
N GLU C 145 -7.93 14.04 -6.30
CA GLU C 145 -7.32 15.34 -6.03
C GLU C 145 -8.26 16.21 -5.18
N TRP C 146 -7.73 17.24 -4.54
CA TRP C 146 -8.57 18.14 -3.75
C TRP C 146 -8.42 19.56 -4.28
N GLU C 147 -9.40 20.40 -3.97
CA GLU C 147 -9.40 21.78 -4.40
C GLU C 147 -10.25 22.60 -3.45
N SER C 148 -10.16 23.91 -3.59
CA SER C 148 -10.96 24.83 -2.79
C SER C 148 -10.90 26.16 -3.49
N ASN C 149 -12.04 26.80 -3.67
CA ASN C 149 -12.10 28.10 -4.33
C ASN C 149 -11.43 28.08 -5.70
N GLY C 150 -11.79 27.09 -6.50
CA GLY C 150 -11.23 26.96 -7.83
C GLY C 150 -9.72 26.81 -7.89
N GLN C 151 -9.12 26.45 -6.76
CA GLN C 151 -7.67 26.28 -6.66
C GLN C 151 -7.30 24.96 -5.99
N PRO C 152 -6.23 24.31 -6.46
CA PRO C 152 -5.78 23.03 -5.90
C PRO C 152 -5.31 23.09 -4.46
N GLU C 153 -5.68 22.07 -3.70
CA GLU C 153 -5.25 21.96 -2.32
C GLU C 153 -4.24 20.84 -2.44
N ASN C 154 -3.06 21.00 -1.85
CA ASN C 154 -2.06 19.97 -1.98
C ASN C 154 -1.60 19.25 -0.75
N ASN C 155 -2.02 19.69 0.43
CA ASN C 155 -1.63 18.99 1.65
C ASN C 155 -2.51 17.76 1.91
N TYR C 156 -2.50 16.83 0.95
CA TYR C 156 -3.30 15.62 1.08
C TYR C 156 -2.48 14.39 0.77
N LYS C 157 -2.90 13.25 1.33
CA LYS C 157 -2.22 11.99 1.13
C LYS C 157 -3.30 10.93 0.92
N THR C 158 -3.27 10.27 -0.23
CA THR C 158 -4.27 9.25 -0.59
C THR C 158 -3.69 7.86 -0.35
N THR C 159 -4.54 6.96 0.12
CA THR C 159 -4.09 5.59 0.36
C THR C 159 -4.19 4.80 -0.92
N PRO C 160 -3.34 3.77 -1.06
CA PRO C 160 -3.43 2.97 -2.28
C PRO C 160 -4.78 2.25 -2.31
N PRO C 161 -5.23 1.82 -3.50
CA PRO C 161 -6.51 1.12 -3.59
C PRO C 161 -6.40 -0.17 -2.84
N VAL C 162 -7.46 -0.53 -2.14
CA VAL C 162 -7.49 -1.77 -1.38
C VAL C 162 -8.64 -2.61 -1.93
N LEU C 163 -8.42 -3.91 -2.00
CA LEU C 163 -9.44 -4.83 -2.52
C LEU C 163 -10.50 -5.06 -1.47
N ASP C 164 -11.73 -4.71 -1.86
CA ASP C 164 -12.88 -4.83 -0.98
C ASP C 164 -13.36 -6.25 -1.00
N SER C 165 -14.28 -6.59 -0.11
CA SER C 165 -14.76 -7.95 -0.05
C SER C 165 -15.70 -8.37 -1.20
N ASP C 166 -16.13 -7.43 -2.02
CA ASP C 166 -17.02 -7.82 -3.11
C ASP C 166 -16.33 -7.89 -4.47
N GLY C 167 -15.01 -7.70 -4.48
CA GLY C 167 -14.26 -7.75 -5.72
C GLY C 167 -13.83 -6.37 -6.20
N SER C 168 -14.40 -5.32 -5.63
CA SER C 168 -14.04 -3.96 -6.04
C SER C 168 -12.94 -3.38 -5.16
N PHE C 169 -12.56 -2.14 -5.46
CA PHE C 169 -11.55 -1.46 -4.68
C PHE C 169 -12.09 -0.23 -3.97
N PHE C 170 -11.35 0.21 -2.97
CA PHE C 170 -11.71 1.41 -2.25
C PHE C 170 -10.41 2.04 -1.81
N LEU C 171 -10.48 3.32 -1.46
CA LEU C 171 -9.30 4.02 -0.95
C LEU C 171 -9.84 5.19 -0.13
N TYR C 172 -8.94 5.93 0.50
CA TYR C 172 -9.30 7.10 1.28
C TYR C 172 -8.28 8.18 0.95
N SER C 173 -8.74 9.42 0.81
CA SER C 173 -7.81 10.52 0.59
C SER C 173 -8.00 11.44 1.77
N LYS C 174 -6.89 11.85 2.38
CA LYS C 174 -6.96 12.69 3.54
C LYS C 174 -6.33 14.05 3.27
N LEU C 175 -7.12 15.10 3.41
CA LEU C 175 -6.64 16.47 3.24
C LEU C 175 -6.54 17.13 4.62
N THR C 176 -5.34 17.59 4.97
CA THR C 176 -5.14 18.23 6.26
C THR C 176 -5.30 19.74 6.16
N VAL C 177 -6.14 20.33 7.02
CA VAL C 177 -6.34 21.79 7.00
C VAL C 177 -6.38 22.38 8.38
N ASP C 178 -6.00 23.65 8.45
CA ASP C 178 -6.00 24.44 9.67
C ASP C 178 -7.45 24.54 10.08
N LYS C 179 -7.73 24.20 11.32
CA LYS C 179 -9.09 24.23 11.82
C LYS C 179 -9.87 25.52 11.48
N SER C 180 -9.20 26.67 11.53
CA SER C 180 -9.87 27.91 11.21
C SER C 180 -10.38 27.93 9.76
N ARG C 181 -9.58 27.42 8.83
CA ARG C 181 -10.00 27.36 7.45
C ARG C 181 -11.27 26.53 7.39
N TRP C 182 -11.27 25.45 8.16
CA TRP C 182 -12.44 24.60 8.16
C TRP C 182 -13.64 25.29 8.81
N GLN C 183 -13.53 25.52 10.12
CA GLN C 183 -14.59 26.14 10.91
C GLN C 183 -15.09 27.48 10.39
N GLN C 184 -14.37 28.07 9.42
CA GLN C 184 -14.72 29.35 8.81
C GLN C 184 -15.68 29.17 7.64
N GLY C 185 -16.14 27.94 7.43
CA GLY C 185 -17.08 27.64 6.37
C GLY C 185 -16.51 27.46 4.98
N ASN C 186 -15.20 27.33 4.85
CA ASN C 186 -14.63 27.16 3.51
C ASN C 186 -15.13 25.86 2.89
N VAL C 187 -15.31 25.86 1.56
CA VAL C 187 -15.76 24.67 0.83
C VAL C 187 -14.65 23.96 0.10
N PHE C 188 -14.48 22.69 0.44
CA PHE C 188 -13.46 21.86 -0.15
C PHE C 188 -14.10 20.78 -1.01
N SER C 189 -13.41 20.38 -2.07
CA SER C 189 -13.92 19.34 -2.96
C SER C 189 -12.94 18.18 -3.24
N CYS C 190 -13.48 16.97 -3.26
CA CYS C 190 -12.71 15.79 -3.57
C CYS C 190 -13.11 15.46 -4.98
N SER C 191 -12.16 15.50 -5.91
CA SER C 191 -12.44 15.19 -7.30
C SER C 191 -11.81 13.86 -7.69
N VAL C 192 -12.60 13.00 -8.32
CA VAL C 192 -12.14 11.70 -8.70
C VAL C 192 -12.14 11.45 -10.21
N MET C 193 -11.13 10.72 -10.67
CA MET C 193 -11.00 10.40 -12.09
C MET C 193 -10.86 8.89 -12.23
N HIS C 194 -11.83 8.31 -12.93
CA HIS C 194 -11.89 6.88 -13.17
C HIS C 194 -12.57 6.66 -14.52
N GLU C 195 -12.23 5.59 -15.23
CA GLU C 195 -12.83 5.32 -16.52
C GLU C 195 -14.35 5.06 -16.48
N ALA C 196 -14.83 4.47 -15.40
CA ALA C 196 -16.25 4.16 -15.22
C ALA C 196 -17.07 5.34 -14.79
N LEU C 197 -16.50 6.54 -14.85
CA LEU C 197 -17.23 7.73 -14.45
C LEU C 197 -17.60 8.52 -15.70
N HIS C 198 -18.79 9.10 -15.70
CA HIS C 198 -19.20 9.90 -16.83
C HIS C 198 -18.17 10.99 -17.01
N ASN C 199 -17.65 11.12 -18.22
CA ASN C 199 -16.64 12.13 -18.53
C ASN C 199 -15.35 11.92 -17.74
N HIS C 200 -15.21 10.72 -17.16
CA HIS C 200 -14.02 10.37 -16.41
C HIS C 200 -13.81 11.28 -15.23
N TYR C 201 -14.90 11.77 -14.68
CA TYR C 201 -14.76 12.72 -13.62
C TYR C 201 -15.99 12.91 -12.78
N THR C 202 -15.77 13.32 -11.54
CA THR C 202 -16.83 13.63 -10.60
C THR C 202 -16.24 14.37 -9.42
N GLN C 203 -17.08 15.05 -8.67
CA GLN C 203 -16.61 15.79 -7.52
C GLN C 203 -17.63 15.65 -6.40
N LYS C 204 -17.23 15.97 -5.18
CA LYS C 204 -18.11 15.87 -4.03
C LYS C 204 -17.59 16.94 -3.07
N SER C 205 -18.44 17.88 -2.68
CA SER C 205 -18.02 18.97 -1.79
C SER C 205 -18.12 18.69 -0.29
N LEU C 206 -17.28 19.39 0.47
CA LEU C 206 -17.20 19.21 1.90
C LEU C 206 -17.04 20.57 2.55
N SER C 207 -17.93 20.86 3.49
CA SER C 207 -17.92 22.14 4.23
C SER C 207 -18.73 22.08 5.54
N LEU C 208 -18.66 23.17 6.32
CA LEU C 208 -19.39 23.23 7.58
C LEU C 208 -20.73 23.94 7.38
N PHE D 1 -8.05 22.10 -15.83
CA PHE D 1 -8.19 21.68 -17.26
C PHE D 1 -9.50 22.19 -17.86
N ASN D 2 -9.65 22.05 -19.17
CA ASN D 2 -10.85 22.45 -19.91
C ASN D 2 -11.86 21.31 -19.79
N MET D 3 -13.04 21.58 -19.23
CA MET D 3 -14.05 20.55 -19.07
C MET D 3 -14.80 20.29 -20.39
N GLN D 4 -14.70 21.24 -21.32
CA GLN D 4 -15.34 21.08 -22.62
C GLN D 4 -14.70 19.92 -23.38
N CYS D 5 -13.37 19.87 -23.36
CA CYS D 5 -12.58 18.82 -24.03
C CYS D 5 -12.81 17.46 -23.50
N GLN D 6 -12.85 17.40 -22.18
CA GLN D 6 -13.06 16.16 -21.47
C GLN D 6 -14.39 15.58 -21.95
N ARG D 7 -15.40 16.44 -22.02
CA ARG D 7 -16.76 16.04 -22.42
C ARG D 7 -16.81 15.52 -23.87
N ARG D 8 -16.11 16.17 -24.79
CA ARG D 8 -16.10 15.73 -26.18
C ARG D 8 -15.30 14.46 -26.35
N PHE D 9 -14.17 14.40 -25.67
CA PHE D 9 -13.32 13.22 -25.74
C PHE D 9 -14.13 12.00 -25.23
N TYR D 10 -14.71 12.14 -24.04
CA TYR D 10 -15.47 11.07 -23.43
C TYR D 10 -16.61 10.61 -24.32
N GLU D 11 -17.26 11.58 -24.94
CA GLU D 11 -18.37 11.35 -25.85
C GLU D 11 -17.94 10.57 -27.11
N ALA D 12 -16.87 11.02 -27.75
CA ALA D 12 -16.35 10.34 -28.95
C ALA D 12 -16.03 8.91 -28.57
N LEU D 13 -15.29 8.79 -27.49
CA LEU D 13 -14.83 7.52 -26.96
C LEU D 13 -15.90 6.44 -26.82
N HIS D 14 -17.12 6.87 -26.46
CA HIS D 14 -18.23 5.95 -26.24
C HIS D 14 -19.38 6.00 -27.25
N ASP D 15 -19.21 6.79 -28.30
CA ASP D 15 -20.19 6.93 -29.38
C ASP D 15 -20.17 5.59 -30.12
N PRO D 16 -21.31 4.85 -30.10
CA PRO D 16 -21.44 3.54 -30.77
C PRO D 16 -21.43 3.60 -32.29
N ASN D 17 -21.80 4.76 -32.80
CA ASN D 17 -21.88 5.01 -34.23
C ASN D 17 -20.51 5.06 -34.88
N LEU D 18 -19.46 5.37 -34.11
CA LEU D 18 -18.09 5.47 -34.64
C LEU D 18 -17.39 4.14 -34.54
N ASN D 19 -16.55 3.84 -35.55
CA ASN D 19 -15.78 2.61 -35.58
C ASN D 19 -14.34 3.00 -35.21
N GLU D 20 -13.53 2.04 -34.77
CA GLU D 20 -12.14 2.30 -34.35
C GLU D 20 -11.44 3.46 -35.06
N GLU D 21 -11.32 3.39 -36.38
CA GLU D 21 -10.66 4.44 -37.14
C GLU D 21 -11.39 5.77 -37.03
N GLN D 22 -12.73 5.72 -37.02
CA GLN D 22 -13.54 6.94 -36.92
C GLN D 22 -13.37 7.64 -35.57
N ARG D 23 -13.43 6.83 -34.51
CA ARG D 23 -13.25 7.30 -33.16
C ARG D 23 -11.87 7.93 -33.00
N ASN D 24 -10.83 7.21 -33.42
CA ASN D 24 -9.44 7.67 -33.34
C ASN D 24 -9.33 9.06 -33.93
N ALA D 25 -9.82 9.19 -35.16
CA ALA D 25 -9.80 10.45 -35.88
C ALA D 25 -10.44 11.58 -35.09
N LYS D 26 -11.68 11.36 -34.63
CA LYS D 26 -12.43 12.36 -33.87
C LYS D 26 -11.71 12.79 -32.60
N ILE D 27 -11.17 11.80 -31.88
CA ILE D 27 -10.42 12.04 -30.66
C ILE D 27 -9.13 12.82 -30.99
N LYS D 28 -8.42 12.40 -32.03
CA LYS D 28 -7.21 13.10 -32.47
C LYS D 28 -7.52 14.59 -32.67
N SER D 29 -8.66 14.86 -33.28
CA SER D 29 -9.12 16.22 -33.54
C SER D 29 -9.46 16.92 -32.24
N ILE D 30 -10.05 16.18 -31.30
CA ILE D 30 -10.41 16.78 -30.03
C ILE D 30 -9.11 17.13 -29.31
N ARG D 31 -8.13 16.24 -29.48
CA ARG D 31 -6.82 16.39 -28.88
C ARG D 31 -6.03 17.55 -29.49
N ASP D 32 -6.00 17.60 -30.82
CA ASP D 32 -5.26 18.64 -31.57
C ASP D 32 -5.82 20.05 -31.41
N ASP D 33 -7.10 20.17 -31.10
CA ASP D 33 -7.73 21.47 -30.96
C ASP D 33 -8.07 21.84 -29.55
N CYS D 34 -7.18 21.49 -28.62
CA CYS D 34 -7.40 21.81 -27.22
C CYS D 34 -6.43 21.12 -26.25
C1 NAG E . 9.97 -21.45 -6.80
C2 NAG E . 10.52 -20.05 -7.07
C3 NAG E . 10.64 -19.26 -5.80
C4 NAG E . 9.29 -19.22 -5.10
C5 NAG E . 8.72 -20.65 -4.91
C6 NAG E . 7.30 -20.65 -4.36
C7 NAG E . 11.91 -20.14 -9.03
C8 NAG E . 13.32 -20.19 -9.58
N2 NAG E . 11.83 -20.13 -7.71
O3 NAG E . 11.05 -17.95 -6.13
O4 NAG E . 9.44 -18.57 -3.82
O5 NAG E . 8.68 -21.35 -6.18
O6 NAG E . 6.59 -19.47 -4.82
O7 NAG E . 10.92 -20.12 -9.76
C1 NAG E . 9.26 -17.20 -3.79
C2 NAG E . 8.89 -16.76 -2.39
C3 NAG E . 8.74 -15.24 -2.36
C4 NAG E . 9.99 -14.54 -2.96
C5 NAG E . 10.35 -15.14 -4.31
C6 NAG E . 11.66 -14.60 -4.86
C7 NAG E . 7.63 -18.32 -1.01
C8 NAG E . 6.29 -18.96 -0.71
N2 NAG E . 7.65 -17.42 -2.00
O3 NAG E . 8.55 -14.84 -1.01
O4 NAG E . 9.76 -13.12 -3.14
O5 NAG E . 10.49 -16.58 -4.17
O6 NAG E . 11.92 -15.10 -6.17
O7 NAG E . 8.63 -18.62 -0.37
C1 BMA E . 9.84 -12.30 -2.02
C2 BMA E . 10.24 -10.89 -2.44
C3 BMA E . 10.13 -9.94 -1.27
C4 BMA E . 8.78 -10.03 -0.62
C5 BMA E . 8.47 -11.46 -0.23
C6 BMA E . 7.08 -11.61 0.36
O2 BMA E . 9.39 -10.43 -3.48
O3 BMA E . 10.27 -8.60 -1.75
O4 BMA E . 8.79 -9.21 0.54
O5 BMA E . 8.54 -12.30 -1.40
O6 BMA E . 6.97 -12.93 0.94
C1 MAN E . 11.54 -8.10 -1.57
C2 MAN E . 11.54 -6.62 -1.95
C3 MAN E . 11.27 -6.46 -3.44
C4 MAN E . 12.31 -7.24 -4.23
C5 MAN E . 12.28 -8.72 -3.77
C6 MAN E . 13.32 -9.60 -4.41
O2 MAN E . 12.83 -6.04 -1.61
O3 MAN E . 11.30 -5.09 -3.82
O4 MAN E . 12.02 -7.13 -5.61
O5 MAN E . 12.49 -8.82 -2.35
O6 MAN E . 13.17 -10.95 -3.98
C1 NAG E . 13.02 -5.66 -0.29
C2 NAG E . 14.49 -5.85 0.09
C3 NAG E . 14.86 -5.13 1.41
C4 NAG E . 14.21 -3.73 1.52
C5 NAG E . 12.74 -3.80 1.17
C6 NAG E . 12.01 -2.48 1.25
C7 NAG E . 15.75 -7.86 -0.42
C8 NAG E . 15.92 -9.35 -0.20
N2 NAG E . 14.76 -7.27 0.25
O3 NAG E . 16.28 -4.98 1.49
O4 NAG E . 14.35 -3.26 2.85
O5 NAG E . 12.60 -4.29 -0.18
O6 NAG E . 10.62 -2.66 1.47
O7 NAG E . 16.48 -7.25 -1.19
C1 MAN E . 5.91 -13.02 1.82
C2 MAN E . 5.88 -14.40 2.48
C3 MAN E . 5.50 -15.50 1.49
C4 MAN E . 4.20 -15.11 0.78
C5 MAN E . 4.29 -13.71 0.18
C6 MAN E . 2.96 -13.22 -0.36
O2 MAN E . 4.90 -14.41 3.52
O3 MAN E . 5.31 -16.70 2.24
O4 MAN E . 3.91 -16.04 -0.26
O5 MAN E . 4.67 -12.75 1.18
O6 MAN E . 2.77 -11.85 -0.04
C1 NAG E . 5.26 -13.96 4.77
C2 NAG E . 4.02 -13.38 5.43
C3 NAG E . 4.33 -12.95 6.86
C4 NAG E . 4.97 -14.11 7.64
C5 NAG E . 6.15 -14.75 6.85
C6 NAG E . 6.67 -16.04 7.45
C7 NAG E . 2.46 -12.43 3.87
C8 NAG E . 2.03 -11.23 3.06
N2 NAG E . 3.53 -12.27 4.65
O3 NAG E . 3.12 -12.58 7.50
O4 NAG E . 5.43 -13.60 8.87
O5 NAG E . 5.75 -15.08 5.50
O6 NAG E . 6.71 -17.06 6.46
O7 NAG E . 1.83 -13.51 3.81
C1 FUL E . 5.24 -19.44 -4.42
C2 FUL E . 4.40 -20.37 -5.33
O2 FUL E . 3.10 -20.56 -4.80
C3 FUL E . 4.27 -19.81 -6.76
O3 FUL E . 5.40 -20.21 -7.52
C4 FUL E . 4.17 -18.27 -6.75
O4 FUL E . 5.45 -17.73 -7.03
C5 FUL E . 3.71 -17.79 -5.38
C6 FUL E . 3.41 -16.31 -5.30
O5 FUL E . 4.72 -18.10 -4.39
C1 NAG F . 22.35 -0.39 -9.97
C2 NAG F . 21.55 -1.61 -9.52
C3 NAG F . 20.18 -1.66 -10.17
C4 NAG F . 19.44 -0.34 -9.94
C5 NAG F . 20.33 0.84 -10.40
C6 NAG F . 19.72 2.17 -10.06
C7 NAG F . 22.85 -3.54 -8.87
C8 NAG F . 23.55 -4.82 -9.31
N2 NAG F . 22.27 -2.84 -9.83
O3 NAG F . 19.43 -2.73 -9.60
O4 NAG F . 18.19 -0.33 -10.66
O5 NAG F . 21.60 0.81 -9.72
O6 NAG F . 19.40 2.16 -8.65
O7 NAG F . 22.82 -3.20 -7.68
C1 NAG F . 17.07 -0.82 -10.01
C2 NAG F . 15.82 -0.10 -10.52
C3 NAG F . 14.55 -0.73 -9.93
C4 NAG F . 14.53 -2.25 -10.04
C5 NAG F . 15.86 -2.87 -9.61
C6 NAG F . 15.91 -4.37 -9.93
C7 NAG F . 15.95 2.26 -11.07
C8 NAG F . 16.00 3.69 -10.55
N2 NAG F . 15.87 1.31 -10.14
O3 NAG F . 13.43 -0.21 -10.64
O4 NAG F . 13.52 -2.79 -9.18
O5 NAG F . 16.96 -2.22 -10.30
O6 NAG F . 17.18 -4.94 -9.64
O7 NAG F . 16.02 2.02 -12.28
C1 BMA F . 12.24 -2.90 -9.70
C2 BMA F . 11.63 -4.20 -9.24
C3 BMA F . 10.15 -4.27 -9.61
C4 BMA F . 9.37 -3.00 -9.33
C5 BMA F . 10.14 -1.76 -9.73
C6 BMA F . 9.50 -0.48 -9.25
O2 BMA F . 11.76 -4.31 -7.82
O3 BMA F . 9.56 -5.25 -8.80
O4 BMA F . 8.17 -3.05 -10.06
O5 BMA F . 11.47 -1.81 -9.19
O6 BMA F . 10.25 0.63 -9.76
C1 MAN F . 9.08 -6.38 -9.42
C2 MAN F . 7.95 -6.92 -8.55
C3 MAN F . 8.39 -7.83 -7.36
C4 MAN F . 9.65 -8.67 -7.65
C5 MAN F . 10.68 -7.80 -8.38
C6 MAN F . 11.98 -8.47 -8.72
O2 MAN F . 6.90 -7.46 -9.38
O3 MAN F . 7.34 -8.68 -6.94
O4 MAN F . 10.20 -9.14 -6.43
O5 MAN F . 10.11 -7.33 -9.62
O6 MAN F . 12.77 -7.64 -9.56
C1 NDG F . 6.69 -8.82 -9.58
C2 NDG F . 6.76 -9.06 -11.09
C3 NDG F . 5.64 -8.33 -11.84
C4 NDG F . 4.25 -8.54 -11.19
C5 NDG F . 4.33 -8.34 -9.69
C6 NDG F . 3.05 -8.60 -8.94
C7 NDG F . 8.99 -9.44 -11.93
C8 NDG F . 10.28 -8.84 -12.48
O5 NDG F . 5.38 -9.18 -9.12
O3 NDG F . 5.62 -8.80 -13.17
O4 NDG F . 3.32 -7.61 -11.75
O6 NDG F . 2.79 -7.57 -8.00
O7 NDG F . 8.86 -10.65 -11.78
N2 NDG F . 8.04 -8.57 -11.60
C1 MAN F . 9.65 1.88 -9.64
C2 MAN F . 10.42 2.87 -10.52
C3 MAN F . 11.83 3.05 -9.96
C4 MAN F . 11.73 3.57 -8.51
C5 MAN F . 10.91 2.56 -7.68
C6 MAN F . 10.67 3.08 -6.27
O2 MAN F . 9.74 4.14 -10.53
O3 MAN F . 12.57 3.97 -10.77
O4 MAN F . 13.02 3.76 -7.96
O5 MAN F . 9.62 2.34 -8.29
O6 MAN F . 9.67 2.33 -5.61
C1 NAG F . 8.68 4.25 -11.42
C2 NAG F . 7.66 5.26 -10.86
C3 NAG F . 6.57 5.55 -11.91
C4 NAG F . 7.19 5.91 -13.26
C5 NAG F . 8.18 4.82 -13.68
C6 NAG F . 8.90 5.18 -14.95
C7 NAG F . 7.46 5.07 -8.44
C8 NAG F . 6.74 4.40 -7.29
N2 NAG F . 7.07 4.70 -9.66
O3 NAG F . 5.75 6.64 -11.47
O4 NAG F . 6.16 6.01 -14.22
O5 NAG F . 9.20 4.67 -12.68
O6 NAG F . 9.54 6.44 -14.83
O7 NAG F . 8.35 5.92 -8.23
C1 FUC F . 18.48 3.15 -8.29
C2 FUC F . 19.23 4.43 -7.96
C3 FUC F . 20.16 4.19 -6.75
C4 FUC F . 19.49 3.33 -5.66
C5 FUC F . 17.96 3.29 -5.88
C6 FUC F . 17.19 2.51 -4.84
O2 FUC F . 18.30 5.47 -7.68
O3 FUC F . 21.34 3.51 -7.20
O4 FUC F . 20.02 2.01 -5.70
O5 FUC F . 17.64 2.73 -7.18
#